data_6JYX
#
_entry.id   6JYX
#
_cell.length_a   54.523
_cell.length_b   77.378
_cell.length_c   187.848
_cell.angle_alpha   90.00
_cell.angle_beta   90.00
_cell.angle_gamma   90.00
#
_symmetry.space_group_name_H-M   'P 21 21 21'
#
loop_
_entity.id
_entity.type
_entity.pdbx_description
1 polymer 'Choline binding protein J'
2 non-polymer 'CHOLINE ION'
3 non-polymer DI(HYDROXYETHYL)ETHER
4 water water
#
_entity_poly.entity_id   1
_entity_poly.type   'polypeptide(L)'
_entity_poly.pdbx_seq_one_letter_code
;SEGWQFVQENGRTYYKKGDLKETYWRVIDGKYYYFDSLSGEMVVGWQYIPFPSKGSTIGPYPNGIRLEGFPKSEWYYFDK
NGVLQEFVGWKTLEIKTKDSVGRKYGEKREDSEDKEEKRYYTNYYFNQNHSLETGWLYDQSNWYYLAKTEINGENYLGGE
RRAGWINDDSTWYYLDPTTGIMQTGWQYLGNKWYYLRSSGAMATGWYQEGTTWYYLDHPNGDMKTGWQNLGNKWYYLRSS
GAMATGWYQDGSTWYYLNAGNGDMKTGWFQVNGNWYYAYSSGALAVNTTVDGYSVNYNGEWVR
;
_entity_poly.pdbx_strand_id   A,B
#
# COMPACT_ATOMS: atom_id res chain seq x y z
N GLY A 3 20.99 45.77 -30.32
CA GLY A 3 19.75 44.99 -30.59
C GLY A 3 19.74 43.57 -30.02
N TRP A 4 18.60 43.19 -29.43
CA TRP A 4 18.33 41.81 -29.03
C TRP A 4 18.43 40.87 -30.22
N GLN A 5 19.15 39.77 -30.05
CA GLN A 5 19.21 38.73 -31.08
C GLN A 5 19.55 37.36 -30.47
N PHE A 6 19.15 36.29 -31.17
CA PHE A 6 19.61 34.94 -30.89
C PHE A 6 21.09 34.81 -31.16
N VAL A 7 21.79 34.14 -30.24
CA VAL A 7 23.24 33.98 -30.33
C VAL A 7 23.58 32.51 -30.06
N GLN A 8 24.36 31.92 -30.96
CA GLN A 8 24.83 30.56 -30.80
C GLN A 8 26.20 30.62 -30.14
N GLU A 9 26.34 29.96 -28.99
CA GLU A 9 27.59 30.01 -28.25
C GLU A 9 27.78 28.66 -27.56
N ASN A 10 28.93 28.04 -27.78
CA ASN A 10 29.27 26.77 -27.16
C ASN A 10 28.20 25.71 -27.40
N GLY A 11 27.64 25.70 -28.60
CA GLY A 11 26.57 24.75 -28.96
C GLY A 11 25.18 25.13 -28.44
N ARG A 12 25.10 26.11 -27.54
CA ARG A 12 23.84 26.53 -26.94
C ARG A 12 23.28 27.78 -27.62
N THR A 13 22.00 28.05 -27.38
CA THR A 13 21.39 29.27 -27.87
C THR A 13 20.95 30.16 -26.71
N TYR A 14 21.27 31.44 -26.85
CA TYR A 14 20.99 32.47 -25.86
C TYR A 14 20.26 33.63 -26.54
N TYR A 15 19.54 34.42 -25.77
CA TYR A 15 18.97 35.64 -26.31
C TYR A 15 19.68 36.78 -25.62
N LYS A 16 20.53 37.49 -26.39
CA LYS A 16 21.41 38.52 -25.85
C LYS A 16 21.26 39.86 -26.57
N LYS A 17 21.45 40.93 -25.81
CA LYS A 17 21.66 42.29 -26.34
C LYS A 17 22.96 42.77 -25.71
N GLY A 18 24.07 42.63 -26.43
CA GLY A 18 25.40 42.93 -25.90
C GLY A 18 25.87 41.75 -25.08
N ASP A 19 26.16 41.99 -23.81
CA ASP A 19 26.48 40.89 -22.89
C ASP A 19 25.21 40.48 -22.11
N LEU A 20 24.18 41.33 -22.20
CA LEU A 20 22.92 41.17 -21.48
C LEU A 20 22.10 39.97 -21.98
N LYS A 21 21.89 38.99 -21.10
CA LYS A 21 21.20 37.73 -21.41
C LYS A 21 19.77 37.68 -20.93
N GLU A 22 18.89 37.09 -21.74
CA GLU A 22 17.54 36.87 -21.26
C GLU A 22 17.53 35.63 -20.40
N THR A 23 16.69 35.66 -19.36
CA THR A 23 16.44 34.47 -18.56
C THR A 23 14.94 34.42 -18.28
N TYR A 24 14.42 33.22 -18.06
CA TYR A 24 12.98 32.95 -17.99
C TYR A 24 12.30 33.24 -19.34
N TRP A 25 11.05 33.67 -19.31
CA TRP A 25 10.22 33.67 -20.49
C TRP A 25 10.47 34.94 -21.32
N ARG A 26 10.35 34.82 -22.64
CA ARG A 26 10.34 35.99 -23.52
C ARG A 26 9.53 35.75 -24.80
N VAL A 27 8.71 36.72 -25.20
CA VAL A 27 7.97 36.63 -26.47
C VAL A 27 8.84 37.19 -27.60
N ILE A 28 9.11 36.37 -28.61
CA ILE A 28 10.00 36.78 -29.68
C ILE A 28 9.33 36.49 -31.02
N ASP A 29 8.98 37.55 -31.76
CA ASP A 29 8.21 37.40 -33.02
C ASP A 29 6.89 36.66 -32.76
N GLY A 30 6.19 37.06 -31.70
CA GLY A 30 4.94 36.43 -31.30
C GLY A 30 4.97 35.01 -30.72
N LYS A 31 6.14 34.38 -30.67
CA LYS A 31 6.30 33.01 -30.15
C LYS A 31 6.89 33.02 -28.73
N TYR A 32 6.53 32.03 -27.90
CA TYR A 32 7.07 32.01 -26.54
C TYR A 32 8.32 31.17 -26.49
N TYR A 33 9.38 31.75 -25.92
CA TYR A 33 10.64 31.05 -25.64
C TYR A 33 10.94 31.08 -24.16
N TYR A 34 11.77 30.15 -23.71
CA TYR A 34 12.17 30.19 -22.31
C TYR A 34 13.66 29.89 -22.16
N PHE A 35 14.32 30.63 -21.27
CA PHE A 35 15.74 30.56 -21.13
C PHE A 35 16.07 30.27 -19.67
N ASP A 36 16.98 29.34 -19.45
CA ASP A 36 17.33 28.86 -18.12
C ASP A 36 17.60 30.00 -17.17
N SER A 37 17.01 29.91 -15.97
CA SER A 37 17.08 30.96 -14.97
C SER A 37 18.50 31.39 -14.67
N LEU A 38 19.45 30.45 -14.72
CA LEU A 38 20.83 30.75 -14.34
C LEU A 38 21.76 31.01 -15.53
N SER A 39 21.65 30.21 -16.57
CA SER A 39 22.65 30.29 -17.67
C SER A 39 22.11 31.02 -18.89
N GLY A 40 20.79 31.17 -19.00
CA GLY A 40 20.17 31.75 -20.21
C GLY A 40 20.08 30.77 -21.37
N GLU A 41 20.46 29.51 -21.14
CA GLU A 41 20.40 28.54 -22.23
C GLU A 41 18.95 28.30 -22.59
N MET A 42 18.65 28.36 -23.89
CA MET A 42 17.31 28.15 -24.38
C MET A 42 16.89 26.70 -24.21
N VAL A 43 15.66 26.50 -23.72
CA VAL A 43 15.17 25.16 -23.41
C VAL A 43 14.39 24.58 -24.59
N VAL A 44 14.40 23.25 -24.71
CA VAL A 44 13.62 22.49 -25.69
C VAL A 44 12.89 21.31 -25.02
N GLY A 45 11.88 20.74 -25.71
CA GLY A 45 11.18 19.55 -25.23
C GLY A 45 10.40 19.83 -23.94
N TRP A 46 10.16 18.76 -23.16
CA TRP A 46 9.41 18.85 -21.91
C TRP A 46 10.17 19.65 -20.87
N GLN A 47 9.46 20.53 -20.17
CA GLN A 47 10.07 21.36 -19.15
C GLN A 47 9.11 21.50 -17.98
N TYR A 48 9.64 21.53 -16.76
CA TYR A 48 8.82 21.79 -15.59
C TYR A 48 9.39 23.06 -14.99
N ILE A 49 8.71 24.18 -15.28
CA ILE A 49 9.27 25.51 -15.06
C ILE A 49 8.15 26.47 -14.61
N PRO A 50 8.53 27.60 -13.97
CA PRO A 50 7.56 28.62 -13.52
C PRO A 50 6.67 29.10 -14.64
N PHE A 51 5.37 29.31 -14.37
CA PHE A 51 4.52 29.95 -15.38
C PHE A 51 4.97 31.42 -15.59
N PRO A 52 4.63 32.01 -16.74
CA PRO A 52 5.01 33.43 -16.95
C PRO A 52 4.22 34.33 -16.05
N SER A 53 4.92 35.13 -15.25
CA SER A 53 4.29 36.06 -14.32
C SER A 53 5.05 37.38 -14.39
N LYS A 54 4.38 38.44 -14.83
CA LYS A 54 5.00 39.76 -15.05
C LYS A 54 5.88 40.23 -13.92
N GLY A 55 7.09 40.65 -14.27
CA GLY A 55 8.04 41.15 -13.29
C GLY A 55 8.76 40.13 -12.44
N SER A 56 8.52 38.83 -12.66
CA SER A 56 9.36 37.80 -12.01
C SER A 56 9.90 36.80 -13.03
N THR A 57 9.03 36.29 -13.88
CA THR A 57 9.43 35.28 -14.86
C THR A 57 9.13 35.66 -16.31
N ILE A 58 8.53 36.82 -16.50
CA ILE A 58 8.40 37.40 -17.81
C ILE A 58 8.40 38.90 -17.62
N GLY A 59 8.94 39.64 -18.59
CA GLY A 59 8.98 41.10 -18.51
C GLY A 59 7.60 41.75 -18.59
N PRO A 60 7.54 43.09 -18.44
CA PRO A 60 8.62 44.02 -18.15
C PRO A 60 9.13 43.85 -16.73
N TYR A 61 10.35 44.30 -16.47
CA TYR A 61 10.88 44.27 -15.13
C TYR A 61 11.14 45.72 -14.66
N PRO A 62 10.06 46.53 -14.52
CA PRO A 62 10.26 47.95 -14.22
C PRO A 62 11.13 48.14 -12.99
N ASN A 63 12.03 49.09 -13.06
CA ASN A 63 12.90 49.39 -11.96
C ASN A 63 12.09 49.57 -10.73
N GLY A 64 12.70 49.36 -9.59
CA GLY A 64 12.08 49.71 -8.35
C GLY A 64 11.56 48.50 -7.65
N ILE A 65 10.55 48.76 -6.82
CA ILE A 65 9.88 47.78 -5.98
C ILE A 65 9.60 46.32 -6.24
N ARG A 66 10.13 45.46 -5.38
CA ARG A 66 10.10 44.01 -5.63
C ARG A 66 8.82 43.26 -5.21
N LEU A 67 8.57 42.15 -5.90
CA LEU A 67 7.52 41.22 -5.58
C LEU A 67 8.18 40.29 -4.61
N GLU A 68 7.41 39.75 -3.69
CA GLU A 68 7.86 38.65 -2.90
C GLU A 68 7.14 37.49 -3.54
N GLY A 69 7.51 36.28 -3.23
CA GLY A 69 6.84 35.12 -3.82
C GLY A 69 7.41 34.79 -5.20
N PHE A 70 6.89 33.76 -5.83
CA PHE A 70 7.44 33.25 -7.08
C PHE A 70 6.42 32.32 -7.72
N PRO A 71 6.30 32.32 -9.05
CA PRO A 71 5.28 31.45 -9.66
C PRO A 71 5.54 29.96 -9.46
N LYS A 72 4.47 29.19 -9.25
CA LYS A 72 4.48 27.74 -9.27
C LYS A 72 4.96 27.25 -10.61
N SER A 73 5.50 26.03 -10.63
CA SER A 73 5.90 25.40 -11.88
C SER A 73 4.81 24.54 -12.44
N GLU A 74 4.88 24.33 -13.75
CA GLU A 74 3.93 23.61 -14.55
C GLU A 74 4.71 22.91 -15.62
N TRP A 75 4.10 21.91 -16.24
CA TRP A 75 4.69 21.20 -17.35
C TRP A 75 4.33 21.87 -18.66
N TYR A 76 5.34 22.21 -19.45
CA TYR A 76 5.15 22.77 -20.79
C TYR A 76 5.93 21.96 -21.80
N TYR A 77 5.52 22.07 -23.05
CA TYR A 77 6.20 21.40 -24.13
C TYR A 77 6.71 22.37 -25.21
N PHE A 78 8.03 22.35 -25.48
CA PHE A 78 8.64 23.25 -26.44
C PHE A 78 9.12 22.41 -27.58
N ASP A 79 9.02 22.88 -28.83
CA ASP A 79 9.60 22.12 -29.97
C ASP A 79 11.15 22.16 -30.01
N LYS A 80 11.73 21.42 -30.96
CA LYS A 80 13.19 21.24 -31.04
C LYS A 80 13.97 22.55 -31.23
N ASN A 81 13.27 23.59 -31.66
CA ASN A 81 13.84 24.91 -31.85
C ASN A 81 13.48 25.90 -30.77
N GLY A 82 12.95 25.42 -29.66
CA GLY A 82 12.62 26.31 -28.54
C GLY A 82 11.26 26.97 -28.50
N VAL A 83 10.44 26.75 -29.53
CA VAL A 83 9.12 27.39 -29.57
C VAL A 83 8.12 26.68 -28.66
N LEU A 84 7.48 27.41 -27.76
CA LEU A 84 6.48 26.82 -26.88
C LEU A 84 5.30 26.28 -27.73
N GLN A 85 5.00 24.99 -27.60
CA GLN A 85 3.87 24.42 -28.31
C GLN A 85 2.61 24.80 -27.56
N GLU A 86 1.73 25.54 -28.24
CA GLU A 86 0.58 26.08 -27.54
C GLU A 86 -0.60 25.11 -27.67
N PHE A 87 -0.36 23.87 -27.27
CA PHE A 87 -1.36 22.82 -27.35
C PHE A 87 -2.52 23.11 -26.41
N VAL A 88 -3.70 22.56 -26.73
CA VAL A 88 -4.88 22.68 -25.84
C VAL A 88 -5.63 21.35 -25.55
N GLY A 89 -5.78 20.45 -26.50
CA GLY A 89 -6.57 19.26 -26.09
C GLY A 89 -5.78 18.08 -25.55
N TRP A 90 -6.32 16.89 -25.81
CA TRP A 90 -5.54 15.66 -25.69
C TRP A 90 -4.38 15.72 -26.67
N LYS A 91 -3.25 15.19 -26.27
CA LYS A 91 -2.13 15.11 -27.20
C LYS A 91 -1.44 13.78 -27.00
N THR A 92 -0.94 13.21 -28.09
CA THR A 92 -0.01 12.10 -27.97
C THR A 92 1.40 12.63 -28.12
N LEU A 93 2.22 12.43 -27.09
CA LEU A 93 3.58 13.00 -27.09
C LEU A 93 4.53 12.02 -26.44
N GLU A 94 5.84 12.21 -26.63
CA GLU A 94 6.84 11.32 -26.03
C GLU A 94 6.70 11.30 -24.50
N ILE A 95 7.11 10.18 -23.91
CA ILE A 95 7.06 9.98 -22.47
C ILE A 95 8.17 10.78 -21.81
N LYS A 96 7.93 11.16 -20.56
CA LYS A 96 8.87 12.01 -19.83
C LYS A 96 9.88 11.17 -19.07
N THR A 97 11.14 11.26 -19.48
CA THR A 97 12.27 10.57 -18.83
C THR A 97 13.37 11.58 -18.55
N LYS A 98 14.45 11.12 -17.90
CA LYS A 98 15.69 11.90 -17.75
C LYS A 98 16.16 12.49 -19.07
N ASP A 99 16.10 11.72 -20.14
CA ASP A 99 16.54 12.19 -21.45
C ASP A 99 15.63 13.22 -22.12
N SER A 100 14.34 13.22 -21.82
CA SER A 100 13.40 14.05 -22.60
C SER A 100 12.91 15.27 -21.81
N VAL A 101 13.36 15.41 -20.57
CA VAL A 101 12.94 16.54 -19.71
C VAL A 101 14.08 17.50 -19.32
N GLY A 102 13.83 18.81 -19.38
CA GLY A 102 14.78 19.82 -18.88
C GLY A 102 16.00 20.02 -19.77
N ARG A 103 15.95 19.54 -21.01
CA ARG A 103 17.08 19.67 -21.95
C ARG A 103 17.16 21.08 -22.54
N LYS A 104 18.35 21.43 -23.03
CA LYS A 104 18.62 22.72 -23.65
C LYS A 104 18.93 22.48 -25.10
N TYR A 105 18.64 23.46 -25.95
CA TYR A 105 19.08 23.40 -27.33
C TYR A 105 20.57 23.19 -27.40
N GLY A 106 20.97 22.26 -28.25
CA GLY A 106 22.38 21.94 -28.48
C GLY A 106 22.96 20.89 -27.54
N GLU A 107 22.18 20.42 -26.57
CA GLU A 107 22.58 19.27 -25.75
C GLU A 107 22.45 17.96 -26.51
N LYS A 108 23.29 17.00 -26.13
CA LYS A 108 23.40 15.70 -26.81
C LYS A 108 22.30 14.74 -26.34
N ARG A 109 21.32 14.48 -27.21
CA ARG A 109 20.11 13.71 -26.82
C ARG A 109 20.36 12.20 -26.61
N LYS A 118 14.81 3.42 -28.28
CA LYS A 118 13.43 3.45 -28.78
C LYS A 118 12.61 4.51 -28.07
N ARG A 119 11.85 5.28 -28.85
CA ARG A 119 10.97 6.32 -28.32
C ARG A 119 9.54 5.82 -28.04
N TYR A 120 9.04 6.12 -26.85
CA TYR A 120 7.69 5.76 -26.42
C TYR A 120 6.78 6.97 -26.24
N TYR A 121 5.46 6.74 -26.31
CA TYR A 121 4.47 7.81 -26.26
C TYR A 121 3.31 7.52 -25.33
N THR A 122 2.68 8.56 -24.78
CA THR A 122 1.37 8.43 -24.15
C THR A 122 0.53 9.68 -24.33
N ASN A 123 -0.56 9.74 -23.55
CA ASN A 123 -1.57 10.76 -23.65
C ASN A 123 -1.50 11.73 -22.51
N TYR A 124 -1.68 13.00 -22.87
CA TYR A 124 -1.62 14.10 -21.94
C TYR A 124 -2.72 15.07 -22.31
N TYR A 125 -3.14 15.87 -21.36
CA TYR A 125 -4.16 16.85 -21.68
C TYR A 125 -3.66 18.23 -21.30
N PHE A 126 -3.72 19.15 -22.25
CA PHE A 126 -3.24 20.51 -22.02
C PHE A 126 -4.39 21.46 -21.70
N ASN A 127 -4.22 22.24 -20.65
CA ASN A 127 -5.21 23.27 -20.34
C ASN A 127 -5.11 24.45 -21.34
N GLN A 128 -5.94 25.47 -21.13
CA GLN A 128 -6.03 26.64 -21.99
C GLN A 128 -4.73 27.46 -21.96
N ASN A 129 -4.05 27.43 -20.82
CA ASN A 129 -2.75 28.06 -20.64
C ASN A 129 -1.57 27.20 -21.16
N HIS A 130 -1.86 26.12 -21.89
CA HIS A 130 -0.84 25.30 -22.58
C HIS A 130 0.14 24.55 -21.65
N SER A 131 -0.24 24.38 -20.39
CA SER A 131 0.43 23.45 -19.52
C SER A 131 -0.40 22.20 -19.25
N LEU A 132 0.26 21.16 -18.75
CA LEU A 132 -0.41 19.88 -18.46
C LEU A 132 -1.38 19.97 -17.30
N GLU A 133 -2.57 19.42 -17.50
CA GLU A 133 -3.42 19.09 -16.38
C GLU A 133 -2.89 17.85 -15.67
N THR A 134 -3.10 17.84 -14.36
CA THR A 134 -2.77 16.70 -13.49
C THR A 134 -3.96 16.44 -12.55
N GLY A 135 -4.05 15.23 -12.02
CA GLY A 135 -5.18 14.80 -11.19
C GLY A 135 -6.43 14.51 -12.02
N TRP A 136 -7.58 14.69 -11.38
CA TRP A 136 -8.88 14.37 -11.97
C TRP A 136 -9.23 15.38 -13.04
N LEU A 137 -9.72 14.86 -14.16
CA LEU A 137 -10.15 15.70 -15.26
C LEU A 137 -11.52 15.26 -15.76
N TYR A 138 -12.45 16.21 -15.81
CA TYR A 138 -13.72 16.00 -16.50
C TYR A 138 -13.70 16.55 -17.93
N ASP A 139 -13.80 15.66 -18.92
CA ASP A 139 -13.78 16.07 -20.32
C ASP A 139 -14.71 15.17 -21.13
N GLN A 140 -15.51 15.80 -22.00
CA GLN A 140 -16.46 15.08 -22.87
C GLN A 140 -17.32 14.12 -22.08
N SER A 141 -17.85 14.58 -20.94
CA SER A 141 -18.82 13.82 -20.13
C SER A 141 -18.24 12.63 -19.33
N ASN A 142 -16.92 12.57 -19.21
CA ASN A 142 -16.30 11.50 -18.43
C ASN A 142 -15.12 12.01 -17.59
N TRP A 143 -14.81 11.27 -16.54
CA TRP A 143 -13.66 11.52 -15.69
C TRP A 143 -12.46 10.74 -16.20
N TYR A 144 -11.31 11.40 -16.13
CA TYR A 144 -10.03 10.81 -16.45
C TYR A 144 -9.08 11.10 -15.31
N TYR A 145 -8.04 10.29 -15.17
CA TYR A 145 -7.02 10.59 -14.17
C TYR A 145 -5.64 10.76 -14.75
N LEU A 146 -5.10 11.95 -14.59
CA LEU A 146 -3.81 12.31 -15.14
C LEU A 146 -2.81 12.33 -13.99
N ALA A 147 -1.66 11.70 -14.18
CA ALA A 147 -0.70 11.54 -13.08
C ALA A 147 -0.36 12.85 -12.38
N LYS A 148 -0.29 12.79 -11.05
CA LYS A 148 0.22 13.89 -10.23
C LYS A 148 1.71 14.04 -10.50
N THR A 149 2.24 15.27 -10.38
CA THR A 149 3.67 15.45 -10.67
C THR A 149 4.52 14.95 -9.51
N GLU A 150 5.46 14.07 -9.85
CA GLU A 150 6.49 13.66 -8.93
C GLU A 150 7.78 13.67 -9.72
N ILE A 151 8.68 14.56 -9.33
CA ILE A 151 10.01 14.60 -9.90
C ILE A 151 10.96 14.25 -8.77
N ASN A 152 11.53 13.05 -8.86
CA ASN A 152 12.47 12.58 -7.86
C ASN A 152 13.20 11.39 -8.43
N GLY A 153 14.51 11.37 -8.22
CA GLY A 153 15.36 10.27 -8.66
C GLY A 153 15.38 10.14 -10.16
N GLU A 154 14.67 9.14 -10.68
CA GLU A 154 14.48 8.92 -12.12
C GLU A 154 13.04 9.14 -12.56
N ASN A 155 12.19 9.53 -11.63
CA ASN A 155 10.78 9.81 -11.94
C ASN A 155 10.56 11.25 -12.42
N TYR A 156 9.76 11.40 -13.47
CA TYR A 156 9.44 12.71 -14.08
C TYR A 156 7.96 12.69 -14.41
N LEU A 157 7.18 12.23 -13.44
CA LEU A 157 5.75 11.99 -13.59
C LEU A 157 4.96 13.28 -13.52
N GLY A 158 3.85 13.29 -14.25
CA GLY A 158 2.91 14.42 -14.22
C GLY A 158 2.17 14.48 -15.56
N GLY A 159 0.86 14.22 -15.53
CA GLY A 159 -0.04 14.45 -16.68
C GLY A 159 -0.44 13.24 -17.51
N GLU A 160 0.42 12.21 -17.45
CA GLU A 160 0.17 10.96 -18.17
C GLU A 160 -1.22 10.46 -17.81
N ARG A 161 -2.08 10.27 -18.81
CA ARG A 161 -3.37 9.65 -18.60
C ARG A 161 -3.13 8.28 -17.98
N ARG A 162 -3.74 8.01 -16.82
CA ARG A 162 -3.54 6.71 -16.15
C ARG A 162 -4.55 5.63 -16.56
N ALA A 163 -4.13 4.37 -16.44
CA ALA A 163 -4.95 3.21 -16.71
C ALA A 163 -4.91 2.26 -15.51
N GLY A 164 -6.00 1.54 -15.29
CA GLY A 164 -6.06 0.52 -14.25
C GLY A 164 -6.44 1.08 -12.89
N TRP A 165 -5.99 0.42 -11.82
CA TRP A 165 -6.37 0.88 -10.48
C TRP A 165 -5.57 2.10 -10.08
N ILE A 166 -6.25 3.09 -9.52
CA ILE A 166 -5.56 4.21 -8.91
C ILE A 166 -6.11 4.46 -7.53
N ASN A 167 -5.22 4.91 -6.66
CA ASN A 167 -5.53 5.20 -5.27
C ASN A 167 -5.38 6.70 -5.05
N ASP A 168 -6.50 7.35 -4.85
CA ASP A 168 -6.55 8.79 -4.67
C ASP A 168 -7.14 9.02 -3.28
N ASP A 169 -6.32 9.54 -2.36
CA ASP A 169 -6.79 9.87 -0.99
C ASP A 169 -7.30 8.61 -0.27
N SER A 170 -6.53 7.52 -0.39
CA SER A 170 -6.87 6.18 0.10
C SER A 170 -8.17 5.57 -0.48
N THR A 171 -8.72 6.17 -1.53
CA THR A 171 -9.89 5.62 -2.22
C THR A 171 -9.47 5.04 -3.57
N TRP A 172 -9.97 3.84 -3.88
CA TRP A 172 -9.62 3.19 -5.15
C TRP A 172 -10.59 3.51 -6.25
N TYR A 173 -10.03 3.74 -7.44
CA TYR A 173 -10.77 3.98 -8.66
C TYR A 173 -10.20 3.09 -9.75
N TYR A 174 -11.01 2.76 -10.76
CA TYR A 174 -10.52 2.03 -11.92
C TYR A 174 -10.69 2.87 -13.17
N LEU A 175 -9.60 3.03 -13.92
CA LEU A 175 -9.64 3.72 -15.20
C LEU A 175 -9.52 2.71 -16.34
N ASP A 176 -10.48 2.70 -17.25
CA ASP A 176 -10.40 1.78 -18.39
C ASP A 176 -9.04 1.92 -19.08
N PRO A 177 -8.29 0.81 -19.24
CA PRO A 177 -6.96 0.91 -19.84
C PRO A 177 -6.96 1.40 -21.29
N THR A 178 -8.04 1.18 -22.03
CA THR A 178 -8.04 1.55 -23.45
C THR A 178 -8.42 3.03 -23.65
N THR A 179 -9.32 3.55 -22.82
CA THR A 179 -9.79 4.92 -23.00
C THR A 179 -9.32 5.89 -21.92
N GLY A 180 -8.92 5.35 -20.75
CA GLY A 180 -8.61 6.20 -19.60
C GLY A 180 -9.86 6.62 -18.86
N ILE A 181 -11.04 6.22 -19.34
CA ILE A 181 -12.29 6.63 -18.71
C ILE A 181 -12.51 5.97 -17.33
N MET A 182 -12.79 6.80 -16.31
CA MET A 182 -13.16 6.30 -14.99
C MET A 182 -14.45 5.48 -15.04
N GLN A 183 -14.37 4.25 -14.54
CA GLN A 183 -15.52 3.34 -14.54
C GLN A 183 -16.39 3.49 -13.30
N THR A 184 -17.66 3.16 -13.47
CA THR A 184 -18.63 3.10 -12.37
C THR A 184 -19.35 1.78 -12.55
N GLY A 185 -20.09 1.37 -11.52
CA GLY A 185 -20.88 0.14 -11.57
C GLY A 185 -20.06 -1.10 -11.23
N TRP A 186 -20.65 -2.26 -11.48
CA TRP A 186 -19.99 -3.52 -11.31
C TRP A 186 -18.92 -3.71 -12.35
N GLN A 187 -17.74 -4.10 -11.89
CA GLN A 187 -16.62 -4.34 -12.78
C GLN A 187 -16.04 -5.72 -12.48
N TYR A 188 -15.78 -6.46 -13.54
CA TYR A 188 -15.21 -7.80 -13.44
C TYR A 188 -13.73 -7.80 -13.83
N LEU A 189 -12.88 -8.02 -12.83
CA LEU A 189 -11.43 -7.85 -12.95
C LEU A 189 -10.67 -8.97 -12.21
N GLY A 190 -9.79 -9.68 -12.92
CA GLY A 190 -8.93 -10.69 -12.32
C GLY A 190 -9.76 -11.75 -11.63
N ASN A 191 -10.84 -12.15 -12.33
CA ASN A 191 -11.77 -13.20 -11.93
C ASN A 191 -12.69 -12.85 -10.76
N LYS A 192 -12.81 -11.57 -10.42
CA LYS A 192 -13.59 -11.14 -9.26
C LYS A 192 -14.40 -9.88 -9.57
N TRP A 193 -15.45 -9.65 -8.78
CA TRP A 193 -16.34 -8.52 -8.99
C TRP A 193 -16.08 -7.42 -8.00
N TYR A 194 -16.14 -6.18 -8.48
CA TYR A 194 -16.00 -4.98 -7.67
C TYR A 194 -17.16 -4.08 -7.97
N TYR A 195 -17.59 -3.34 -6.96
CA TYR A 195 -18.59 -2.34 -7.19
C TYR A 195 -18.03 -0.95 -7.01
N LEU A 196 -18.10 -0.19 -8.08
CA LEU A 196 -17.67 1.20 -8.07
C LEU A 196 -18.92 2.05 -7.99
N ARG A 197 -18.95 2.93 -6.98
CA ARG A 197 -20.07 3.83 -6.76
C ARG A 197 -20.18 4.81 -7.91
N SER A 198 -21.28 5.57 -7.94
CA SER A 198 -21.52 6.47 -9.06
C SER A 198 -20.47 7.60 -9.13
N SER A 199 -19.72 7.78 -8.04
CA SER A 199 -18.59 8.72 -8.04
C SER A 199 -17.32 8.07 -8.58
N GLY A 200 -17.38 6.76 -8.80
CA GLY A 200 -16.21 5.97 -9.22
C GLY A 200 -15.54 5.25 -8.08
N ALA A 201 -15.85 5.66 -6.85
CA ALA A 201 -15.18 5.15 -5.67
C ALA A 201 -15.47 3.66 -5.45
N MET A 202 -14.42 2.85 -5.27
CA MET A 202 -14.58 1.43 -4.96
C MET A 202 -15.23 1.22 -3.59
N ALA A 203 -16.38 0.57 -3.59
CA ALA A 203 -17.09 0.31 -2.34
C ALA A 203 -16.45 -0.86 -1.59
N THR A 204 -16.48 -0.77 -0.26
CA THR A 204 -16.14 -1.88 0.62
C THR A 204 -17.25 -2.07 1.64
N GLY A 205 -17.37 -3.26 2.20
CA GLY A 205 -18.45 -3.51 3.15
C GLY A 205 -19.73 -3.98 2.49
N TRP A 206 -20.83 -3.80 3.22
CA TRP A 206 -22.16 -4.20 2.75
C TRP A 206 -22.72 -3.22 1.71
N TYR A 207 -23.24 -3.74 0.60
CA TYR A 207 -23.84 -2.87 -0.40
C TYR A 207 -25.21 -3.36 -0.84
N GLN A 208 -26.21 -2.48 -0.74
CA GLN A 208 -27.57 -2.85 -1.15
C GLN A 208 -27.95 -2.31 -2.52
N GLU A 209 -28.37 -3.21 -3.39
CA GLU A 209 -28.81 -2.86 -4.73
C GLU A 209 -30.21 -3.42 -4.88
N GLY A 210 -31.21 -2.54 -4.97
CA GLY A 210 -32.61 -2.96 -4.91
C GLY A 210 -32.84 -3.52 -3.52
N THR A 211 -33.29 -4.77 -3.44
CA THR A 211 -33.45 -5.40 -2.13
C THR A 211 -32.29 -6.35 -1.77
N THR A 212 -31.45 -6.67 -2.76
CA THR A 212 -30.33 -7.60 -2.59
C THR A 212 -29.11 -6.98 -1.89
N TRP A 213 -28.54 -7.73 -0.94
CA TRP A 213 -27.34 -7.29 -0.23
C TRP A 213 -26.10 -7.98 -0.80
N TYR A 214 -25.01 -7.23 -0.91
CA TYR A 214 -23.71 -7.78 -1.33
C TYR A 214 -22.65 -7.40 -0.34
N TYR A 215 -21.65 -8.26 -0.18
CA TYR A 215 -20.53 -7.91 0.69
C TYR A 215 -19.25 -7.81 -0.11
N LEU A 216 -18.70 -6.60 -0.10
CA LEU A 216 -17.42 -6.32 -0.74
C LEU A 216 -16.31 -6.26 0.31
N ASP A 217 -15.25 -7.05 0.07
CA ASP A 217 -14.12 -7.17 0.97
C ASP A 217 -13.62 -5.83 1.47
N HIS A 218 -13.35 -5.75 2.77
CA HIS A 218 -12.63 -4.59 3.29
C HIS A 218 -11.24 -5.05 3.73
N PRO A 219 -10.18 -4.45 3.14
CA PRO A 219 -10.23 -3.27 2.26
C PRO A 219 -10.11 -3.56 0.75
N ASN A 220 -10.03 -4.82 0.36
CA ASN A 220 -9.70 -5.18 -1.02
C ASN A 220 -10.79 -4.94 -2.09
N GLY A 221 -12.03 -4.79 -1.63
CA GLY A 221 -13.14 -4.51 -2.52
C GLY A 221 -13.80 -5.68 -3.24
N ASP A 222 -13.11 -6.80 -3.40
CA ASP A 222 -13.66 -7.95 -4.15
C ASP A 222 -14.95 -8.52 -3.52
N MET A 223 -15.90 -8.90 -4.37
CA MET A 223 -17.19 -9.38 -3.90
C MET A 223 -17.06 -10.80 -3.35
N LYS A 224 -17.51 -11.01 -2.12
CA LYS A 224 -17.39 -12.30 -1.46
C LYS A 224 -18.55 -13.21 -1.83
N THR A 225 -18.26 -14.51 -1.96
CA THR A 225 -19.28 -15.54 -2.07
C THR A 225 -19.10 -16.56 -0.91
N GLY A 226 -20.13 -17.35 -0.66
CA GLY A 226 -20.07 -18.43 0.32
C GLY A 226 -20.26 -17.92 1.73
N TRP A 227 -19.92 -18.76 2.71
CA TRP A 227 -20.04 -18.40 4.12
C TRP A 227 -19.01 -17.36 4.51
N GLN A 228 -19.47 -16.29 5.15
CA GLN A 228 -18.58 -15.24 5.61
C GLN A 228 -18.90 -14.92 7.07
N ASN A 229 -17.88 -14.85 7.91
CA ASN A 229 -18.08 -14.40 9.27
C ASN A 229 -17.80 -12.92 9.33
N LEU A 230 -18.86 -12.14 9.50
CA LEU A 230 -18.74 -10.69 9.47
C LEU A 230 -19.41 -10.09 10.67
N GLY A 231 -18.62 -9.41 11.51
CA GLY A 231 -19.10 -8.84 12.76
C GLY A 231 -19.62 -9.91 13.70
N ASN A 232 -18.92 -11.05 13.73
CA ASN A 232 -19.26 -12.17 14.62
C ASN A 232 -20.60 -12.88 14.32
N LYS A 233 -21.14 -12.63 13.12
CA LYS A 233 -22.32 -13.35 12.59
C LYS A 233 -21.93 -14.08 11.32
N TRP A 234 -22.62 -15.16 11.02
CA TRP A 234 -22.42 -15.89 9.80
C TRP A 234 -23.43 -15.47 8.73
N TYR A 235 -22.96 -15.26 7.51
CA TYR A 235 -23.85 -15.01 6.38
C TYR A 235 -23.54 -15.99 5.27
N TYR A 236 -24.56 -16.34 4.49
CA TYR A 236 -24.32 -17.11 3.29
C TYR A 236 -24.54 -16.22 2.08
N LEU A 237 -23.49 -16.03 1.29
CA LEU A 237 -23.57 -15.29 0.03
C LEU A 237 -23.61 -16.27 -1.15
N ARG A 238 -24.65 -16.19 -1.97
CA ARG A 238 -24.79 -17.10 -3.10
C ARG A 238 -23.66 -16.92 -4.14
N SER A 239 -23.55 -17.86 -5.08
CA SER A 239 -22.53 -17.82 -6.12
C SER A 239 -22.52 -16.50 -6.89
N SER A 240 -23.70 -15.88 -7.01
CA SER A 240 -23.84 -14.58 -7.63
C SER A 240 -23.45 -13.42 -6.71
N GLY A 241 -23.20 -13.69 -5.43
CA GLY A 241 -22.82 -12.65 -4.48
C GLY A 241 -23.97 -12.22 -3.59
N ALA A 242 -25.19 -12.56 -4.04
CA ALA A 242 -26.44 -12.20 -3.34
C ALA A 242 -26.51 -12.88 -1.98
N MET A 243 -26.74 -12.11 -0.94
CA MET A 243 -26.91 -12.64 0.40
C MET A 243 -28.21 -13.45 0.52
N ALA A 244 -28.09 -14.69 0.97
CA ALA A 244 -29.24 -15.57 1.16
C ALA A 244 -30.04 -15.23 2.40
N THR A 245 -31.36 -15.48 2.33
CA THR A 245 -32.25 -15.34 3.50
C THR A 245 -33.17 -16.54 3.51
N GLY A 246 -33.77 -16.82 4.67
CA GLY A 246 -34.62 -18.00 4.81
C GLY A 246 -33.85 -19.28 5.05
N TRP A 247 -34.52 -20.41 4.78
CA TRP A 247 -33.89 -21.71 4.85
C TRP A 247 -32.91 -21.87 3.72
N TYR A 248 -31.73 -22.40 4.04
CA TYR A 248 -30.76 -22.73 3.03
C TYR A 248 -30.23 -24.11 3.33
N GLN A 249 -30.18 -24.95 2.30
CA GLN A 249 -29.68 -26.31 2.43
C GLN A 249 -28.27 -26.45 1.85
N ASP A 250 -27.31 -26.72 2.72
CA ASP A 250 -25.92 -26.95 2.33
C ASP A 250 -25.66 -28.44 2.51
N GLY A 251 -25.62 -29.17 1.41
CA GLY A 251 -25.50 -30.63 1.45
C GLY A 251 -26.83 -31.21 1.88
N SER A 252 -26.84 -32.01 2.94
CA SER A 252 -28.09 -32.46 3.54
C SER A 252 -28.39 -31.72 4.85
N THR A 253 -27.58 -30.71 5.13
CA THR A 253 -27.75 -29.89 6.33
C THR A 253 -28.50 -28.60 6.03
N TRP A 254 -29.44 -28.26 6.90
CA TRP A 254 -30.23 -27.05 6.77
C TRP A 254 -29.75 -25.94 7.70
N TYR A 255 -29.77 -24.71 7.20
CA TYR A 255 -29.43 -23.54 7.98
C TYR A 255 -30.54 -22.54 7.86
N TYR A 256 -30.72 -21.70 8.87
CA TYR A 256 -31.67 -20.63 8.72
C TYR A 256 -31.02 -19.28 8.87
N LEU A 257 -31.19 -18.45 7.84
CA LEU A 257 -30.67 -17.11 7.83
C LEU A 257 -31.81 -16.16 8.02
N ASN A 258 -31.63 -15.25 8.96
CA ASN A 258 -32.63 -14.28 9.36
C ASN A 258 -33.29 -13.65 8.16
N ALA A 259 -34.63 -13.64 8.18
CA ALA A 259 -35.46 -13.18 7.05
C ALA A 259 -35.07 -11.83 6.47
N GLY A 260 -34.77 -10.86 7.31
CA GLY A 260 -34.38 -9.55 6.83
C GLY A 260 -32.88 -9.33 6.71
N ASN A 261 -32.17 -9.57 7.82
CA ASN A 261 -30.77 -9.21 7.95
C ASN A 261 -29.76 -10.23 7.40
N GLY A 262 -30.17 -11.49 7.29
CA GLY A 262 -29.34 -12.55 6.68
C GLY A 262 -28.43 -13.31 7.63
N ASP A 263 -28.33 -12.85 8.89
CA ASP A 263 -27.47 -13.55 9.85
C ASP A 263 -28.00 -14.94 10.25
N MET A 264 -27.10 -15.91 10.30
CA MET A 264 -27.44 -17.30 10.57
C MET A 264 -27.91 -17.39 12.02
N LYS A 265 -28.99 -18.14 12.23
CA LYS A 265 -29.55 -18.33 13.57
C LYS A 265 -28.94 -19.53 14.22
N THR A 266 -28.69 -19.45 15.52
CA THR A 266 -28.39 -20.65 16.31
C THR A 266 -29.29 -20.66 17.55
N GLY A 267 -29.35 -21.80 18.22
CA GLY A 267 -30.27 -21.98 19.35
C GLY A 267 -31.72 -22.23 18.88
N TRP A 268 -32.67 -21.91 19.76
CA TRP A 268 -34.11 -22.01 19.47
C TRP A 268 -34.58 -20.78 18.73
N PHE A 269 -35.28 -21.01 17.62
CA PHE A 269 -35.83 -19.92 16.86
C PHE A 269 -37.16 -20.36 16.26
N GLN A 270 -38.03 -19.40 15.96
CA GLN A 270 -39.34 -19.73 15.41
C GLN A 270 -39.51 -19.16 14.00
N VAL A 271 -39.97 -20.01 13.08
CA VAL A 271 -40.27 -19.58 11.73
C VAL A 271 -41.67 -20.10 11.38
N ASN A 272 -42.56 -19.19 10.98
CA ASN A 272 -43.97 -19.51 10.69
C ASN A 272 -44.63 -20.26 11.85
N GLY A 273 -44.54 -19.69 13.05
CA GLY A 273 -45.04 -20.35 14.26
C GLY A 273 -44.67 -21.82 14.35
N ASN A 274 -43.44 -22.16 13.98
CA ASN A 274 -42.85 -23.42 14.37
C ASN A 274 -41.54 -23.09 15.07
N TRP A 275 -41.17 -23.93 16.02
CA TRP A 275 -39.92 -23.80 16.73
C TRP A 275 -38.94 -24.80 16.17
N TYR A 276 -37.73 -24.31 15.89
CA TYR A 276 -36.64 -25.14 15.42
C TYR A 276 -35.39 -24.91 16.28
N TYR A 277 -34.46 -25.85 16.24
CA TYR A 277 -33.21 -25.70 17.00
C TYR A 277 -32.01 -25.83 16.09
N ALA A 278 -31.08 -24.89 16.16
CA ALA A 278 -29.82 -25.04 15.43
C ALA A 278 -28.67 -25.15 16.41
N TYR A 279 -27.78 -26.09 16.16
CA TYR A 279 -26.56 -26.24 16.98
C TYR A 279 -25.65 -25.01 16.80
N SER A 280 -24.55 -24.94 17.53
CA SER A 280 -23.62 -23.81 17.37
C SER A 280 -23.13 -23.68 15.91
N SER A 281 -23.02 -24.79 15.19
CA SER A 281 -22.59 -24.73 13.78
C SER A 281 -23.65 -24.09 12.88
N GLY A 282 -24.84 -23.88 13.42
CA GLY A 282 -25.95 -23.40 12.62
C GLY A 282 -26.78 -24.50 12.00
N ALA A 283 -26.29 -25.73 12.06
CA ALA A 283 -27.02 -26.86 11.47
C ALA A 283 -28.31 -27.14 12.25
N LEU A 284 -29.40 -27.30 11.50
CA LEU A 284 -30.72 -27.62 12.07
C LEU A 284 -30.76 -29.02 12.71
N ALA A 285 -31.22 -29.11 13.95
CA ALA A 285 -31.42 -30.42 14.59
C ALA A 285 -32.68 -31.06 13.99
N VAL A 286 -32.53 -32.28 13.48
CA VAL A 286 -33.66 -33.04 12.92
C VAL A 286 -33.75 -34.46 13.51
N ASN A 287 -34.98 -34.98 13.60
CA ASN A 287 -35.26 -36.36 14.03
C ASN A 287 -34.54 -36.79 15.31
N THR A 288 -34.69 -36.00 16.36
CA THR A 288 -33.90 -36.24 17.56
C THR A 288 -34.52 -35.57 18.77
N THR A 289 -33.80 -35.62 19.90
CA THR A 289 -34.14 -34.85 21.08
C THR A 289 -33.07 -33.81 21.37
N VAL A 290 -33.53 -32.63 21.75
CA VAL A 290 -32.69 -31.50 22.18
C VAL A 290 -33.34 -30.90 23.41
N ASP A 291 -32.63 -30.89 24.53
CA ASP A 291 -33.11 -30.24 25.77
C ASP A 291 -34.39 -30.86 26.33
N GLY A 292 -34.65 -32.12 25.99
CA GLY A 292 -35.87 -32.79 26.42
C GLY A 292 -37.01 -32.68 25.42
N TYR A 293 -36.81 -31.87 24.38
CA TYR A 293 -37.82 -31.64 23.36
C TYR A 293 -37.51 -32.43 22.11
N SER A 294 -38.46 -33.25 21.68
CA SER A 294 -38.31 -33.96 20.41
C SER A 294 -38.47 -32.99 19.25
N VAL A 295 -37.75 -33.26 18.15
CA VAL A 295 -37.93 -32.54 16.88
C VAL A 295 -38.05 -33.55 15.74
N ASN A 296 -38.89 -33.27 14.75
CA ASN A 296 -39.17 -34.24 13.68
C ASN A 296 -38.22 -34.13 12.49
N TYR A 297 -38.59 -34.77 11.38
CA TYR A 297 -37.76 -34.80 10.18
C TYR A 297 -37.57 -33.43 9.53
N ASN A 298 -38.43 -32.50 9.92
CA ASN A 298 -38.36 -31.12 9.45
C ASN A 298 -37.78 -30.20 10.51
N GLY A 299 -37.27 -30.80 11.59
CA GLY A 299 -36.71 -30.02 12.69
C GLY A 299 -37.77 -29.27 13.47
N GLU A 300 -39.04 -29.62 13.22
CA GLU A 300 -40.15 -29.05 13.99
C GLU A 300 -40.15 -29.64 15.38
N TRP A 301 -40.33 -28.78 16.36
CA TRP A 301 -40.55 -29.21 17.74
C TRP A 301 -41.91 -29.90 17.82
N VAL A 302 -41.90 -31.20 18.12
CA VAL A 302 -43.10 -32.04 18.10
C VAL A 302 -43.19 -32.94 19.32
N GLY B 3 -25.10 -34.34 40.26
CA GLY B 3 -23.76 -33.69 40.35
C GLY B 3 -23.28 -33.30 38.96
N TRP B 4 -22.23 -32.48 38.91
CA TRP B 4 -21.62 -32.08 37.62
C TRP B 4 -21.04 -33.26 36.86
N GLN B 5 -21.35 -33.37 35.57
CA GLN B 5 -20.88 -34.47 34.75
C GLN B 5 -20.92 -34.09 33.27
N PHE B 6 -19.99 -34.63 32.48
CA PHE B 6 -20.04 -34.56 31.05
C PHE B 6 -21.26 -35.33 30.57
N VAL B 7 -21.98 -34.75 29.61
CA VAL B 7 -23.14 -35.39 29.04
C VAL B 7 -23.01 -35.30 27.53
N GLN B 8 -23.34 -36.37 26.84
CA GLN B 8 -23.35 -36.35 25.39
C GLN B 8 -24.77 -36.35 24.87
N GLU B 9 -25.05 -35.49 23.89
CA GLU B 9 -26.29 -35.59 23.14
C GLU B 9 -26.11 -35.00 21.77
N ASN B 10 -26.58 -35.74 20.76
CA ASN B 10 -26.45 -35.36 19.36
C ASN B 10 -24.98 -35.25 18.96
N GLY B 11 -24.14 -36.11 19.54
CA GLY B 11 -22.71 -36.13 19.24
C GLY B 11 -21.90 -35.10 20.01
N ARG B 12 -22.57 -34.10 20.57
CA ARG B 12 -21.93 -33.01 21.31
C ARG B 12 -21.74 -33.33 22.77
N THR B 13 -20.79 -32.65 23.37
CA THR B 13 -20.52 -32.83 24.78
C THR B 13 -20.87 -31.54 25.50
N TYR B 14 -21.58 -31.69 26.61
CA TYR B 14 -21.89 -30.57 27.49
C TYR B 14 -21.42 -30.94 28.88
N TYR B 15 -21.35 -29.97 29.77
CA TYR B 15 -21.01 -30.28 31.13
C TYR B 15 -22.15 -29.72 31.96
N LYS B 16 -22.88 -30.62 32.62
CA LYS B 16 -24.17 -30.26 33.22
C LYS B 16 -24.37 -30.80 34.62
N LYS B 17 -25.22 -30.11 35.38
CA LYS B 17 -25.76 -30.62 36.66
C LYS B 17 -27.26 -30.38 36.55
N GLY B 18 -28.00 -31.48 36.36
CA GLY B 18 -29.39 -31.39 35.94
C GLY B 18 -29.54 -30.56 34.68
N ASP B 19 -30.44 -29.59 34.71
CA ASP B 19 -30.57 -28.66 33.60
C ASP B 19 -29.43 -27.64 33.49
N LEU B 20 -28.66 -27.42 34.55
CA LEU B 20 -27.65 -26.36 34.56
C LEU B 20 -26.53 -26.73 33.58
N LYS B 21 -26.10 -25.81 32.71
CA LYS B 21 -25.05 -26.12 31.73
C LYS B 21 -23.90 -25.20 32.00
N GLU B 22 -22.68 -25.73 32.00
CA GLU B 22 -21.49 -24.88 32.10
C GLU B 22 -21.31 -24.11 30.80
N THR B 23 -20.95 -22.84 30.93
CA THR B 23 -20.52 -22.03 29.79
C THR B 23 -19.17 -21.35 30.06
N TYR B 24 -18.42 -21.09 28.99
CA TYR B 24 -17.06 -20.57 29.11
C TYR B 24 -16.14 -21.60 29.75
N TRP B 25 -15.21 -21.16 30.58
CA TRP B 25 -14.10 -22.00 31.07
C TRP B 25 -14.46 -22.78 32.32
N ARG B 26 -13.92 -23.99 32.44
CA ARG B 26 -14.02 -24.70 33.71
C ARG B 26 -12.88 -25.65 33.87
N VAL B 27 -12.34 -25.69 35.09
CA VAL B 27 -11.27 -26.60 35.43
C VAL B 27 -11.99 -27.86 35.88
N ILE B 28 -11.69 -28.99 35.23
CA ILE B 28 -12.32 -30.26 35.59
C ILE B 28 -11.22 -31.29 35.80
N ASP B 29 -11.12 -31.79 37.02
CA ASP B 29 -10.01 -32.68 37.44
C ASP B 29 -8.65 -32.11 37.04
N GLY B 30 -8.42 -30.83 37.37
CA GLY B 30 -7.14 -30.21 37.11
C GLY B 30 -6.86 -29.83 35.65
N LYS B 31 -7.79 -30.09 34.73
CA LYS B 31 -7.61 -29.71 33.32
C LYS B 31 -8.64 -28.66 32.88
N TYR B 32 -8.27 -27.82 31.91
CA TYR B 32 -9.14 -26.70 31.52
C TYR B 32 -9.94 -27.10 30.31
N TYR B 33 -11.25 -26.82 30.34
CA TYR B 33 -12.13 -27.04 29.19
C TYR B 33 -12.89 -25.74 28.96
N TYR B 34 -13.52 -25.63 27.80
CA TYR B 34 -14.28 -24.44 27.49
C TYR B 34 -15.51 -24.86 26.69
N PHE B 35 -16.63 -24.27 27.08
CA PHE B 35 -17.95 -24.57 26.56
C PHE B 35 -18.60 -23.32 25.95
N ASP B 36 -19.19 -23.49 24.78
CA ASP B 36 -19.72 -22.34 24.03
C ASP B 36 -20.64 -21.48 24.88
N SER B 37 -20.48 -20.15 24.81
CA SER B 37 -21.20 -19.21 25.71
C SER B 37 -22.72 -19.34 25.62
N LEU B 38 -23.24 -19.73 24.47
CA LEU B 38 -24.68 -19.82 24.29
C LEU B 38 -25.20 -21.24 24.46
N SER B 39 -24.57 -22.21 23.78
CA SER B 39 -25.08 -23.57 23.74
C SER B 39 -24.48 -24.55 24.80
N GLY B 40 -23.33 -24.20 25.36
CA GLY B 40 -22.59 -25.12 26.22
C GLY B 40 -21.84 -26.22 25.48
N GLU B 41 -21.84 -26.21 24.15
CA GLU B 41 -21.09 -27.25 23.42
C GLU B 41 -19.61 -27.07 23.74
N MET B 42 -18.95 -28.17 24.14
CA MET B 42 -17.53 -28.19 24.39
C MET B 42 -16.71 -27.89 23.09
N VAL B 43 -15.72 -27.04 23.21
CA VAL B 43 -14.90 -26.67 22.01
C VAL B 43 -13.70 -27.59 21.85
N VAL B 44 -13.26 -27.73 20.59
CA VAL B 44 -12.04 -28.46 20.27
C VAL B 44 -11.19 -27.69 19.23
N GLY B 45 -9.91 -28.02 19.15
CA GLY B 45 -9.03 -27.40 18.16
C GLY B 45 -8.77 -25.92 18.40
N TRP B 46 -8.38 -25.21 17.34
CA TRP B 46 -8.14 -23.78 17.46
C TRP B 46 -9.37 -23.02 17.91
N GLN B 47 -9.20 -22.11 18.85
CA GLN B 47 -10.32 -21.30 19.27
C GLN B 47 -9.81 -19.90 19.54
N TYR B 48 -10.59 -18.92 19.13
CA TYR B 48 -10.34 -17.53 19.52
C TYR B 48 -11.42 -17.07 20.50
N ILE B 49 -11.08 -16.99 21.79
CA ILE B 49 -12.07 -16.88 22.86
C ILE B 49 -11.49 -16.05 23.99
N PRO B 50 -12.36 -15.52 24.86
CA PRO B 50 -11.84 -14.75 26.00
C PRO B 50 -10.94 -15.58 26.90
N PHE B 51 -9.91 -14.94 27.46
CA PHE B 51 -9.10 -15.59 28.47
C PHE B 51 -9.91 -15.88 29.73
N PRO B 52 -9.46 -16.85 30.54
CA PRO B 52 -10.13 -17.19 31.79
C PRO B 52 -9.91 -16.11 32.82
N SER B 53 -10.97 -15.34 33.08
CA SER B 53 -10.90 -14.21 33.97
C SER B 53 -11.91 -14.49 35.09
N LYS B 54 -11.37 -14.63 36.29
CA LYS B 54 -12.13 -15.09 37.44
C LYS B 54 -13.33 -14.21 37.70
N GLY B 55 -14.52 -14.80 37.82
CA GLY B 55 -15.74 -14.02 38.01
C GLY B 55 -16.37 -13.53 36.73
N SER B 56 -15.70 -13.74 35.59
CA SER B 56 -16.25 -13.35 34.29
C SER B 56 -16.44 -14.53 33.37
N THR B 57 -15.34 -15.20 33.05
CA THR B 57 -15.38 -16.29 32.10
C THR B 57 -14.80 -17.58 32.72
N ILE B 58 -14.33 -17.52 33.96
CA ILE B 58 -14.06 -18.71 34.77
C ILE B 58 -14.55 -18.44 36.18
N GLY B 59 -15.00 -19.49 36.86
CA GLY B 59 -15.41 -19.40 38.26
C GLY B 59 -14.25 -19.09 39.19
N PRO B 60 -14.53 -18.82 40.49
CA PRO B 60 -15.86 -18.82 41.08
C PRO B 60 -16.67 -17.59 40.71
N TYR B 61 -17.99 -17.74 40.73
CA TYR B 61 -18.88 -16.62 40.56
C TYR B 61 -19.68 -16.45 41.88
N PRO B 62 -19.19 -15.62 42.83
CA PRO B 62 -19.90 -15.50 44.12
C PRO B 62 -21.34 -15.05 43.91
N ASN B 63 -22.28 -15.81 44.48
CA ASN B 63 -23.72 -15.53 44.34
C ASN B 63 -24.23 -15.58 42.89
N GLY B 64 -23.52 -16.29 42.03
CA GLY B 64 -23.89 -16.37 40.61
C GLY B 64 -23.60 -15.14 39.77
N ILE B 65 -23.08 -14.08 40.40
CA ILE B 65 -22.82 -12.80 39.70
C ILE B 65 -21.64 -12.89 38.72
N ARG B 66 -21.82 -12.38 37.49
CA ARG B 66 -20.71 -12.24 36.56
C ARG B 66 -20.28 -10.76 36.61
N LEU B 67 -18.99 -10.51 36.80
CA LEU B 67 -18.50 -9.11 36.73
C LEU B 67 -18.74 -8.52 35.34
N GLU B 68 -18.79 -7.19 35.28
CA GLU B 68 -19.09 -6.50 34.03
C GLU B 68 -17.90 -6.50 33.08
N GLY B 69 -18.17 -6.19 31.82
CA GLY B 69 -17.11 -6.09 30.83
C GLY B 69 -16.75 -7.49 30.42
N PHE B 70 -15.82 -7.61 29.49
CA PHE B 70 -15.57 -8.88 28.87
C PHE B 70 -14.09 -9.04 28.57
N PRO B 71 -13.51 -10.15 29.03
CA PRO B 71 -12.08 -10.37 28.86
C PRO B 71 -11.69 -10.35 27.39
N LYS B 72 -10.52 -9.79 27.14
CA LYS B 72 -9.82 -9.88 25.86
C LYS B 72 -9.72 -11.32 25.34
N SER B 73 -9.94 -11.48 24.04
CA SER B 73 -9.83 -12.77 23.41
C SER B 73 -8.40 -13.15 22.97
N GLU B 74 -8.12 -14.44 22.99
CA GLU B 74 -6.79 -14.97 22.62
C GLU B 74 -6.98 -16.26 21.84
N TRP B 75 -5.90 -16.72 21.20
CA TRP B 75 -5.89 -17.96 20.47
C TRP B 75 -5.38 -19.08 21.36
N TYR B 76 -6.21 -20.13 21.50
CA TYR B 76 -5.84 -21.33 22.31
C TYR B 76 -5.97 -22.56 21.43
N TYR B 77 -5.31 -23.62 21.84
CA TYR B 77 -5.46 -24.87 21.11
C TYR B 77 -5.99 -25.92 22.09
N PHE B 78 -7.14 -26.49 21.77
CA PHE B 78 -7.71 -27.61 22.54
C PHE B 78 -7.51 -28.94 21.83
N ASP B 79 -7.26 -30.00 22.60
CA ASP B 79 -7.15 -31.31 21.97
C ASP B 79 -8.54 -31.75 21.49
N LYS B 80 -8.60 -32.83 20.72
CA LYS B 80 -9.84 -33.43 20.21
C LYS B 80 -10.81 -33.88 21.30
N ASN B 81 -10.37 -33.95 22.55
CA ASN B 81 -11.21 -34.38 23.65
C ASN B 81 -11.62 -33.22 24.53
N GLY B 82 -11.37 -32.00 24.04
CA GLY B 82 -11.69 -30.76 24.76
C GLY B 82 -10.62 -30.25 25.73
N VAL B 83 -9.57 -31.01 25.95
CA VAL B 83 -8.55 -30.60 26.90
C VAL B 83 -7.71 -29.47 26.30
N LEU B 84 -7.67 -28.33 27.00
CA LEU B 84 -6.74 -27.26 26.61
C LEU B 84 -5.30 -27.74 26.62
N GLN B 85 -4.62 -27.54 25.51
CA GLN B 85 -3.24 -27.97 25.42
C GLN B 85 -2.37 -26.86 25.97
N GLU B 86 -1.70 -27.13 27.09
CA GLU B 86 -0.96 -26.11 27.80
C GLU B 86 0.44 -25.86 27.19
N PHE B 87 0.46 -25.62 25.88
CA PHE B 87 1.69 -25.38 25.13
C PHE B 87 2.43 -24.13 25.60
N VAL B 88 3.76 -24.15 25.48
CA VAL B 88 4.60 -22.98 25.73
C VAL B 88 5.73 -23.11 24.71
N GLY B 89 6.05 -22.02 24.03
CA GLY B 89 7.15 -22.01 23.08
C GLY B 89 6.68 -22.36 21.69
N TRP B 90 7.64 -22.75 20.86
CA TRP B 90 7.39 -23.04 19.46
C TRP B 90 6.61 -24.34 19.29
N LYS B 91 5.67 -24.31 18.35
CA LYS B 91 4.86 -25.48 18.04
C LYS B 91 4.56 -25.49 16.60
N THR B 92 4.54 -26.69 16.03
CA THR B 92 4.07 -26.88 14.68
C THR B 92 2.65 -27.46 14.77
N LEU B 93 1.64 -26.70 14.29
CA LEU B 93 0.24 -27.10 14.34
C LEU B 93 -0.45 -26.81 13.03
N GLU B 94 -1.64 -27.36 12.84
CA GLU B 94 -2.38 -27.15 11.60
C GLU B 94 -2.65 -25.66 11.42
N ILE B 95 -2.74 -25.26 10.17
CA ILE B 95 -3.04 -23.88 9.81
C ILE B 95 -4.47 -23.57 10.24
N LYS B 96 -4.72 -22.30 10.48
CA LYS B 96 -6.01 -21.84 10.90
C LYS B 96 -6.85 -21.47 9.68
N THR B 97 -7.94 -22.21 9.52
CA THR B 97 -8.96 -21.96 8.50
C THR B 97 -10.37 -22.01 9.09
N LYS B 98 -11.35 -21.72 8.23
CA LYS B 98 -12.77 -21.98 8.49
C LYS B 98 -13.00 -23.37 9.07
N ASP B 99 -12.37 -24.38 8.47
CA ASP B 99 -12.60 -25.74 8.88
C ASP B 99 -11.98 -26.05 10.23
N SER B 100 -10.89 -25.37 10.58
CA SER B 100 -10.10 -25.76 11.74
C SER B 100 -10.24 -24.85 12.98
N VAL B 101 -10.99 -23.77 12.87
CA VAL B 101 -11.13 -22.83 13.98
C VAL B 101 -12.60 -22.81 14.45
N GLY B 102 -12.81 -22.76 15.78
CA GLY B 102 -14.14 -22.62 16.35
C GLY B 102 -14.98 -23.88 16.27
N ARG B 103 -14.38 -25.05 16.01
CA ARG B 103 -15.19 -26.29 15.94
C ARG B 103 -15.61 -26.75 17.36
N LYS B 104 -16.70 -27.52 17.43
CA LYS B 104 -17.15 -28.10 18.70
C LYS B 104 -16.95 -29.60 18.62
N TYR B 105 -16.71 -30.22 19.77
CA TYR B 105 -16.67 -31.69 19.82
C TYR B 105 -17.92 -32.26 19.16
N GLY B 106 -17.75 -33.24 18.29
CA GLY B 106 -18.88 -33.85 17.63
C GLY B 106 -19.26 -33.23 16.30
N GLU B 107 -18.70 -32.08 15.96
CA GLU B 107 -18.89 -31.53 14.60
C GLU B 107 -18.01 -32.27 13.59
N LYS B 108 -18.55 -32.54 12.41
CA LYS B 108 -17.76 -33.14 11.34
C LYS B 108 -16.98 -32.09 10.56
N ARG B 109 -15.67 -32.29 10.43
CA ARG B 109 -14.82 -31.40 9.63
C ARG B 109 -14.91 -31.69 8.13
N LYS B 118 -4.24 -34.77 3.88
CA LYS B 118 -3.45 -33.61 3.51
C LYS B 118 -3.76 -32.40 4.42
N ARG B 119 -3.16 -32.37 5.60
CA ARG B 119 -3.25 -31.18 6.43
C ARG B 119 -2.03 -30.32 6.20
N TYR B 120 -2.24 -29.00 6.22
CA TYR B 120 -1.17 -28.02 6.12
C TYR B 120 -0.80 -27.54 7.53
N TYR B 121 0.49 -27.43 7.80
CA TYR B 121 1.01 -27.06 9.11
C TYR B 121 1.87 -25.80 9.04
N THR B 122 1.97 -25.09 10.17
CA THR B 122 2.89 -23.98 10.25
C THR B 122 3.41 -23.80 11.67
N ASN B 123 4.21 -22.74 11.88
CA ASN B 123 4.86 -22.51 13.15
C ASN B 123 4.19 -21.45 13.97
N TYR B 124 4.05 -21.72 15.26
CA TYR B 124 3.40 -20.81 16.20
C TYR B 124 4.22 -20.71 17.44
N TYR B 125 4.04 -19.65 18.20
CA TYR B 125 4.72 -19.53 19.45
C TYR B 125 3.72 -19.24 20.56
N PHE B 126 3.73 -20.09 21.58
CA PHE B 126 2.84 -19.95 22.73
C PHE B 126 3.48 -19.22 23.89
N ASN B 127 2.78 -18.25 24.47
CA ASN B 127 3.30 -17.62 25.69
C ASN B 127 3.08 -18.54 26.88
N GLN B 128 3.46 -18.03 28.06
CA GLN B 128 3.47 -18.80 29.29
C GLN B 128 2.04 -19.12 29.77
N ASN B 129 1.06 -18.36 29.30
CA ASN B 129 -0.34 -18.58 29.61
C ASN B 129 -1.02 -19.35 28.50
N HIS B 130 -0.23 -20.02 27.65
CA HIS B 130 -0.78 -20.97 26.68
C HIS B 130 -1.69 -20.40 25.59
N SER B 131 -1.59 -19.09 25.34
CA SER B 131 -2.12 -18.54 24.09
C SER B 131 -1.04 -18.11 23.08
N LEU B 132 -1.43 -17.92 21.81
CA LEU B 132 -0.52 -17.48 20.79
C LEU B 132 0.00 -16.09 21.05
N GLU B 133 1.30 -15.95 20.88
CA GLU B 133 1.93 -14.65 20.79
C GLU B 133 1.71 -14.10 19.37
N THR B 134 1.53 -12.78 19.25
CA THR B 134 1.45 -12.13 17.93
C THR B 134 2.48 -10.98 17.84
N GLY B 135 2.84 -10.56 16.63
CA GLY B 135 3.78 -9.41 16.49
C GLY B 135 5.22 -9.81 16.74
N TRP B 136 6.02 -8.86 17.24
CA TRP B 136 7.45 -9.09 17.44
C TRP B 136 7.78 -10.04 18.58
N LEU B 137 8.61 -11.02 18.26
CA LEU B 137 9.12 -11.96 19.28
C LEU B 137 10.62 -12.07 19.22
N TYR B 138 11.27 -11.85 20.34
CA TYR B 138 12.71 -12.11 20.43
C TYR B 138 12.86 -13.46 21.08
N ASP B 139 13.55 -14.37 20.41
CA ASP B 139 13.72 -15.72 20.90
C ASP B 139 14.95 -16.33 20.25
N GLN B 140 15.73 -17.07 21.04
CA GLN B 140 16.96 -17.73 20.58
C GLN B 140 17.86 -16.71 19.86
N SER B 141 17.96 -15.53 20.46
CA SER B 141 18.81 -14.39 20.02
C SER B 141 18.46 -13.78 18.67
N ASN B 142 17.20 -13.95 18.25
CA ASN B 142 16.74 -13.41 16.97
C ASN B 142 15.36 -12.84 17.11
N TRP B 143 15.00 -11.96 16.19
CA TRP B 143 13.64 -11.43 16.11
C TRP B 143 12.82 -12.20 15.11
N TYR B 144 11.55 -12.41 15.45
CA TYR B 144 10.59 -13.10 14.58
C TYR B 144 9.37 -12.26 14.52
N TYR B 145 8.63 -12.34 13.43
CA TYR B 145 7.37 -11.63 13.39
C TYR B 145 6.27 -12.64 13.27
N LEU B 146 5.35 -12.62 14.24
CA LEU B 146 4.17 -13.50 14.24
C LEU B 146 2.94 -12.71 13.81
N ALA B 147 2.16 -13.30 12.90
CA ALA B 147 1.02 -12.66 12.30
C ALA B 147 0.14 -11.95 13.33
N LYS B 148 -0.28 -10.73 13.01
CA LYS B 148 -1.22 -10.00 13.85
C LYS B 148 -2.60 -10.66 13.71
N THR B 149 -3.41 -10.61 14.77
CA THR B 149 -4.74 -11.23 14.71
C THR B 149 -5.71 -10.47 13.79
N GLU B 150 -6.26 -11.18 12.81
CA GLU B 150 -7.24 -10.63 11.91
C GLU B 150 -8.24 -11.73 11.54
N ILE B 151 -9.36 -11.76 12.26
CA ILE B 151 -10.47 -12.69 11.95
C ILE B 151 -11.60 -11.92 11.33
N ASN B 152 -11.82 -12.16 10.06
CA ASN B 152 -12.93 -11.56 9.37
C ASN B 152 -13.10 -12.23 8.03
N GLY B 153 -14.36 -12.44 7.64
CA GLY B 153 -14.70 -13.12 6.41
C GLY B 153 -14.19 -14.54 6.36
N GLU B 154 -13.10 -14.73 5.61
CA GLU B 154 -12.40 -16.02 5.48
C GLU B 154 -11.03 -16.01 6.19
N ASN B 155 -10.66 -14.86 6.73
CA ASN B 155 -9.37 -14.68 7.44
C ASN B 155 -9.46 -15.14 8.90
N TYR B 156 -8.48 -15.96 9.30
CA TYR B 156 -8.35 -16.45 10.68
C TYR B 156 -6.91 -16.33 11.09
N LEU B 157 -6.33 -15.18 10.75
CA LEU B 157 -4.91 -14.96 10.91
C LEU B 157 -4.62 -14.59 12.35
N GLY B 158 -3.37 -14.86 12.75
CA GLY B 158 -2.86 -14.55 14.06
C GLY B 158 -1.90 -15.64 14.53
N GLY B 159 -0.63 -15.25 14.75
CA GLY B 159 0.39 -16.11 15.40
C GLY B 159 1.40 -16.81 14.49
N GLU B 160 0.93 -17.00 13.24
CA GLU B 160 1.74 -17.68 12.24
C GLU B 160 3.07 -16.96 12.16
N ARG B 161 4.16 -17.73 12.16
CA ARG B 161 5.50 -17.15 11.96
C ARG B 161 5.60 -16.64 10.54
N ARG B 162 5.82 -15.35 10.37
CA ARG B 162 5.84 -14.79 9.01
C ARG B 162 7.23 -14.90 8.38
N ALA B 163 7.27 -14.83 7.05
CA ALA B 163 8.52 -14.88 6.29
C ALA B 163 8.49 -13.84 5.20
N GLY B 164 9.66 -13.45 4.69
CA GLY B 164 9.75 -12.43 3.63
C GLY B 164 9.55 -11.00 4.11
N TRP B 165 9.13 -10.14 3.20
CA TRP B 165 8.90 -8.74 3.53
C TRP B 165 7.61 -8.54 4.34
N ILE B 166 7.71 -7.80 5.44
CA ILE B 166 6.53 -7.41 6.21
C ILE B 166 6.57 -5.94 6.56
N ASN B 167 5.39 -5.33 6.53
CA ASN B 167 5.24 -3.94 6.83
C ASN B 167 4.63 -3.82 8.21
N ASP B 168 5.40 -3.29 9.15
CA ASP B 168 4.90 -3.10 10.49
C ASP B 168 4.96 -1.64 10.88
N ASP B 169 3.77 -1.05 11.06
CA ASP B 169 3.67 0.33 11.49
C ASP B 169 4.54 1.23 10.61
N SER B 170 4.31 1.18 9.29
CA SER B 170 4.93 2.12 8.36
C SER B 170 6.40 1.80 7.96
N THR B 171 6.96 0.73 8.53
CA THR B 171 8.37 0.37 8.32
C THR B 171 8.43 -1.03 7.75
N TRP B 172 9.33 -1.26 6.81
CA TRP B 172 9.52 -2.57 6.24
C TRP B 172 10.63 -3.36 6.93
N TYR B 173 10.39 -4.65 7.12
CA TYR B 173 11.37 -5.56 7.70
C TYR B 173 11.43 -6.75 6.80
N TYR B 174 12.55 -7.44 6.80
CA TYR B 174 12.66 -8.65 6.00
C TYR B 174 13.04 -9.86 6.86
N LEU B 175 12.27 -10.93 6.74
CA LEU B 175 12.44 -12.13 7.55
C LEU B 175 12.87 -13.27 6.64
N ASP B 176 13.90 -14.02 7.02
CA ASP B 176 14.38 -15.10 6.15
C ASP B 176 13.23 -16.03 5.74
N PRO B 177 13.17 -16.41 4.45
CA PRO B 177 12.07 -17.27 4.00
C PRO B 177 12.02 -18.66 4.66
N THR B 178 13.16 -19.23 5.03
CA THR B 178 13.18 -20.57 5.64
C THR B 178 12.99 -20.54 7.15
N THR B 179 13.66 -19.62 7.83
CA THR B 179 13.70 -19.66 9.29
C THR B 179 12.77 -18.64 9.96
N GLY B 180 12.32 -17.64 9.19
CA GLY B 180 11.62 -16.49 9.76
C GLY B 180 12.46 -15.49 10.56
N ILE B 181 13.77 -15.68 10.61
CA ILE B 181 14.63 -14.79 11.39
C ILE B 181 14.70 -13.41 10.70
N MET B 182 14.44 -12.35 11.45
CA MET B 182 14.61 -10.99 10.93
C MET B 182 16.07 -10.71 10.53
N GLN B 183 16.27 -10.25 9.31
CA GLN B 183 17.62 -9.99 8.75
C GLN B 183 18.01 -8.53 8.99
N THR B 184 19.31 -8.27 9.05
CA THR B 184 19.77 -6.90 9.13
C THR B 184 20.91 -6.71 8.11
N GLY B 185 21.35 -5.46 7.95
CA GLY B 185 22.50 -5.19 7.09
C GLY B 185 22.10 -5.20 5.63
N TRP B 186 23.11 -5.17 4.76
CA TRP B 186 22.86 -5.08 3.32
C TRP B 186 22.35 -6.41 2.88
N GLN B 187 21.35 -6.40 2.01
CA GLN B 187 20.77 -7.64 1.56
C GLN B 187 20.46 -7.47 0.09
N TYR B 188 20.84 -8.47 -0.68
CA TYR B 188 20.58 -8.49 -2.10
C TYR B 188 19.40 -9.41 -2.36
N LEU B 189 18.24 -8.79 -2.62
CA LEU B 189 16.96 -9.49 -2.64
C LEU B 189 16.17 -9.13 -3.90
N GLY B 190 15.81 -10.16 -4.68
CA GLY B 190 15.13 -9.95 -5.96
C GLY B 190 15.84 -8.95 -6.87
N ASN B 191 17.16 -9.12 -7.01
CA ASN B 191 17.99 -8.34 -7.94
C ASN B 191 18.16 -6.84 -7.58
N LYS B 192 18.12 -6.54 -6.28
CA LYS B 192 18.30 -5.18 -5.77
C LYS B 192 18.93 -5.18 -4.37
N TRP B 193 19.69 -4.14 -4.06
CA TRP B 193 20.28 -4.04 -2.75
C TRP B 193 19.38 -3.25 -1.83
N TYR B 194 19.26 -3.69 -0.58
CA TYR B 194 18.53 -2.98 0.45
C TYR B 194 19.45 -2.91 1.62
N TYR B 195 19.32 -1.85 2.38
CA TYR B 195 20.02 -1.75 3.62
C TYR B 195 19.02 -1.83 4.76
N LEU B 196 19.15 -2.87 5.56
CA LEU B 196 18.32 -3.06 6.72
C LEU B 196 19.14 -2.58 7.91
N ARG B 197 18.61 -1.64 8.66
CA ARG B 197 19.33 -1.06 9.80
C ARG B 197 19.53 -2.09 10.91
N SER B 198 20.30 -1.76 11.93
CA SER B 198 20.63 -2.78 12.93
C SER B 198 19.39 -3.18 13.74
N SER B 199 18.34 -2.36 13.71
CA SER B 199 17.04 -2.71 14.32
C SER B 199 16.18 -3.52 13.37
N GLY B 200 16.73 -3.80 12.19
CA GLY B 200 15.99 -4.49 11.12
C GLY B 200 15.20 -3.60 10.17
N ALA B 201 14.98 -2.34 10.57
CA ALA B 201 14.15 -1.39 9.80
C ALA B 201 14.81 -1.07 8.43
N MET B 202 14.09 -1.22 7.33
CA MET B 202 14.65 -0.99 5.99
C MET B 202 14.89 0.52 5.83
N ALA B 203 16.12 0.92 5.51
CA ALA B 203 16.41 2.35 5.31
C ALA B 203 15.83 2.85 3.99
N THR B 204 15.35 4.09 4.00
CA THR B 204 15.12 4.81 2.76
C THR B 204 15.83 6.17 2.83
N GLY B 205 16.10 6.75 1.67
CA GLY B 205 16.81 8.04 1.68
C GLY B 205 18.30 7.86 1.78
N TRP B 206 18.98 8.94 2.16
CA TRP B 206 20.44 8.94 2.22
C TRP B 206 20.89 8.12 3.40
N TYR B 207 21.89 7.29 3.17
CA TYR B 207 22.49 6.50 4.24
C TYR B 207 24.00 6.55 4.11
N GLN B 208 24.64 6.90 5.22
CA GLN B 208 26.09 6.99 5.28
C GLN B 208 26.68 5.85 6.10
N GLU B 209 27.48 5.02 5.46
CA GLU B 209 28.29 4.06 6.19
C GLU B 209 29.78 4.33 5.99
N GLY B 210 30.41 4.68 7.11
CA GLY B 210 31.80 5.12 7.08
C GLY B 210 31.74 6.55 6.60
N THR B 211 32.42 6.82 5.50
CA THR B 211 32.35 8.15 4.88
C THR B 211 31.53 8.14 3.59
N THR B 212 31.25 6.96 3.07
CA THR B 212 30.52 6.87 1.80
C THR B 212 29.01 7.00 2.00
N TRP B 213 28.38 7.67 1.05
CA TRP B 213 26.96 7.87 1.12
C TRP B 213 26.33 6.97 0.07
N TYR B 214 25.14 6.46 0.38
CA TYR B 214 24.38 5.61 -0.52
C TYR B 214 22.98 6.17 -0.53
N TYR B 215 22.21 5.90 -1.58
CA TYR B 215 20.86 6.40 -1.59
C TYR B 215 19.87 5.28 -1.89
N LEU B 216 18.91 5.12 -0.97
CA LEU B 216 17.93 4.05 -1.06
C LEU B 216 16.58 4.66 -1.41
N ASP B 217 15.94 4.08 -2.40
CA ASP B 217 14.66 4.56 -2.88
C ASP B 217 13.72 4.80 -1.73
N HIS B 218 13.12 5.98 -1.70
CA HIS B 218 11.98 6.17 -0.86
C HIS B 218 10.72 6.08 -1.75
N PRO B 219 9.77 5.20 -1.38
CA PRO B 219 9.72 4.40 -0.15
C PRO B 219 10.07 2.91 -0.33
N ASN B 220 10.47 2.51 -1.53
CA ASN B 220 10.66 1.09 -1.84
C ASN B 220 11.94 0.46 -1.31
N GLY B 221 12.91 1.28 -0.87
CA GLY B 221 14.14 0.75 -0.28
C GLY B 221 15.31 0.38 -1.19
N ASP B 222 15.06 0.14 -2.47
CA ASP B 222 16.14 -0.35 -3.32
C ASP B 222 17.23 0.73 -3.50
N MET B 223 18.48 0.29 -3.42
CA MET B 223 19.64 1.15 -3.58
C MET B 223 19.76 1.70 -5.02
N LYS B 224 19.94 3.01 -5.13
CA LYS B 224 20.08 3.66 -6.45
C LYS B 224 21.51 3.69 -6.97
N THR B 225 21.61 3.68 -8.31
CA THR B 225 22.89 3.90 -8.97
C THR B 225 22.66 4.89 -10.14
N GLY B 226 23.74 5.39 -10.71
CA GLY B 226 23.61 6.36 -11.81
C GLY B 226 23.31 7.76 -11.33
N TRP B 227 22.95 8.60 -12.29
CA TRP B 227 22.61 9.99 -12.02
C TRP B 227 21.22 10.02 -11.37
N GLN B 228 21.09 10.75 -10.28
CA GLN B 228 19.83 10.87 -9.59
C GLN B 228 19.56 12.31 -9.24
N ASN B 229 18.33 12.71 -9.49
CA ASN B 229 17.88 14.03 -9.20
C ASN B 229 17.14 13.99 -7.88
N LEU B 230 17.80 14.44 -6.82
CA LEU B 230 17.29 14.28 -5.48
C LEU B 230 17.31 15.62 -4.79
N GLY B 231 16.18 15.99 -4.20
CA GLY B 231 16.11 17.24 -3.45
C GLY B 231 16.54 18.43 -4.27
N ASN B 232 16.20 18.39 -5.56
CA ASN B 232 16.42 19.48 -6.52
C ASN B 232 17.90 19.69 -6.91
N LYS B 233 18.73 18.65 -6.70
CA LYS B 233 20.14 18.64 -7.10
C LYS B 233 20.44 17.31 -7.79
N TRP B 234 21.48 17.30 -8.60
CA TRP B 234 21.94 16.07 -9.22
C TRP B 234 23.07 15.44 -8.44
N TYR B 235 23.05 14.10 -8.37
CA TYR B 235 24.13 13.31 -7.76
C TYR B 235 24.48 12.19 -8.70
N TYR B 236 25.73 11.77 -8.65
CA TYR B 236 26.15 10.58 -9.41
C TYR B 236 26.49 9.45 -8.44
N LEU B 237 25.74 8.36 -8.52
CA LEU B 237 25.99 7.22 -7.64
C LEU B 237 26.73 6.19 -8.47
N ARG B 238 27.89 5.78 -8.01
CA ARG B 238 28.70 4.83 -8.79
C ARG B 238 27.96 3.48 -8.88
N SER B 239 28.54 2.51 -9.56
CA SER B 239 27.82 1.25 -9.77
C SER B 239 27.70 0.42 -8.46
N SER B 240 28.60 0.66 -7.51
CA SER B 240 28.51 0.09 -6.14
C SER B 240 27.46 0.82 -5.27
N GLY B 241 26.82 1.84 -5.82
CA GLY B 241 25.90 2.68 -5.08
C GLY B 241 26.55 3.85 -4.36
N ALA B 242 27.89 3.85 -4.26
CA ALA B 242 28.57 4.90 -3.48
C ALA B 242 28.53 6.23 -4.21
N MET B 243 28.20 7.28 -3.48
CA MET B 243 28.09 8.61 -4.06
C MET B 243 29.48 9.17 -4.43
N ALA B 244 29.64 9.56 -5.70
CA ALA B 244 30.87 10.21 -6.17
C ALA B 244 30.97 11.65 -5.66
N THR B 245 32.20 12.07 -5.37
CA THR B 245 32.51 13.43 -4.91
C THR B 245 33.72 13.92 -5.71
N GLY B 246 33.89 15.23 -5.83
CA GLY B 246 34.99 15.81 -6.63
C GLY B 246 34.76 15.71 -8.15
N TRP B 247 35.85 15.74 -8.90
CA TRP B 247 35.80 15.68 -10.37
C TRP B 247 35.40 14.29 -10.83
N TYR B 248 34.48 14.25 -11.78
CA TYR B 248 34.00 12.99 -12.32
C TYR B 248 33.96 13.08 -13.83
N GLN B 249 34.60 12.13 -14.49
CA GLN B 249 34.61 12.12 -15.95
C GLN B 249 33.76 11.02 -16.54
N ASP B 250 32.88 11.43 -17.44
CA ASP B 250 32.06 10.52 -18.20
C ASP B 250 32.41 10.70 -19.68
N GLY B 251 33.19 9.76 -20.23
CA GLY B 251 33.68 9.88 -21.61
C GLY B 251 34.59 11.09 -21.71
N SER B 252 34.19 12.04 -22.56
CA SER B 252 34.91 13.31 -22.67
C SER B 252 34.57 14.28 -21.56
N THR B 253 33.33 14.22 -21.09
CA THR B 253 32.76 15.27 -20.28
C THR B 253 33.21 15.22 -18.85
N TRP B 254 33.53 16.38 -18.29
CA TRP B 254 33.82 16.50 -16.88
C TRP B 254 32.65 17.12 -16.10
N TYR B 255 32.48 16.67 -14.85
CA TYR B 255 31.48 17.20 -13.91
C TYR B 255 32.14 17.41 -12.59
N TYR B 256 31.68 18.39 -11.84
CA TYR B 256 32.22 18.55 -10.51
C TYR B 256 31.09 18.33 -9.49
N LEU B 257 31.31 17.39 -8.58
CA LEU B 257 30.38 17.04 -7.53
C LEU B 257 30.95 17.59 -6.24
N ASN B 258 30.15 18.38 -5.54
CA ASN B 258 30.58 19.10 -4.35
C ASN B 258 31.35 18.17 -3.44
N ALA B 259 32.55 18.60 -3.04
CA ALA B 259 33.52 17.76 -2.33
C ALA B 259 32.94 17.01 -1.14
N GLY B 260 32.12 17.70 -0.35
CA GLY B 260 31.49 17.07 0.81
C GLY B 260 30.12 16.54 0.46
N ASN B 261 29.22 17.43 0.06
CA ASN B 261 27.82 17.09 -0.17
C ASN B 261 27.49 16.23 -1.40
N GLY B 262 28.39 16.17 -2.38
CA GLY B 262 28.15 15.42 -3.60
C GLY B 262 27.30 16.05 -4.71
N ASP B 263 26.63 17.18 -4.48
CA ASP B 263 25.74 17.76 -5.50
C ASP B 263 26.53 18.35 -6.67
N MET B 264 26.06 18.07 -7.89
CA MET B 264 26.71 18.57 -9.11
C MET B 264 26.62 20.10 -9.22
N LYS B 265 27.74 20.76 -9.48
CA LYS B 265 27.74 22.21 -9.73
C LYS B 265 27.34 22.59 -11.14
N THR B 266 26.65 23.72 -11.28
CA THR B 266 26.45 24.38 -12.58
C THR B 266 26.83 25.83 -12.40
N GLY B 267 27.06 26.53 -13.49
CA GLY B 267 27.55 27.91 -13.42
C GLY B 267 29.00 27.98 -12.96
N TRP B 268 29.38 29.14 -12.42
CA TRP B 268 30.75 29.39 -11.95
C TRP B 268 31.01 28.78 -10.58
N PHE B 269 32.11 28.05 -10.42
CA PHE B 269 32.49 27.53 -9.10
C PHE B 269 34.00 27.49 -8.94
N GLN B 270 34.46 27.40 -7.69
CA GLN B 270 35.89 27.45 -7.38
C GLN B 270 36.38 26.17 -6.75
N VAL B 271 37.50 25.65 -7.23
CA VAL B 271 38.11 24.41 -6.70
C VAL B 271 39.62 24.60 -6.70
N ASN B 272 40.25 24.46 -5.54
CA ASN B 272 41.71 24.64 -5.40
C ASN B 272 42.17 25.99 -5.95
N GLY B 273 41.43 27.04 -5.61
CA GLY B 273 41.72 28.41 -6.07
C GLY B 273 41.74 28.64 -7.59
N ASN B 274 40.97 27.85 -8.31
CA ASN B 274 40.73 28.08 -9.73
C ASN B 274 39.24 28.19 -9.94
N TRP B 275 38.83 29.04 -10.88
CA TRP B 275 37.41 29.14 -11.22
C TRP B 275 37.07 28.29 -12.42
N TYR B 276 35.91 27.66 -12.37
CA TYR B 276 35.49 26.78 -13.45
C TYR B 276 34.06 27.05 -13.79
N TYR B 277 33.68 26.73 -15.02
CA TYR B 277 32.33 26.94 -15.37
C TYR B 277 31.71 25.69 -15.97
N ALA B 278 30.53 25.35 -15.46
CA ALA B 278 29.73 24.27 -16.00
C ALA B 278 28.44 24.78 -16.64
N TYR B 279 28.10 24.23 -17.80
CA TYR B 279 26.84 24.53 -18.45
C TYR B 279 25.67 23.96 -17.60
N SER B 280 24.44 24.24 -18.03
CA SER B 280 23.25 23.77 -17.30
C SER B 280 23.22 22.24 -17.14
N SER B 281 23.86 21.54 -18.07
CA SER B 281 23.91 20.09 -18.00
C SER B 281 24.91 19.59 -16.95
N GLY B 282 25.71 20.49 -16.38
CA GLY B 282 26.84 20.14 -15.51
C GLY B 282 28.19 19.93 -16.22
N ALA B 283 28.17 19.91 -17.56
CA ALA B 283 29.43 19.68 -18.32
C ALA B 283 30.36 20.86 -18.17
N LEU B 284 31.61 20.58 -17.84
CA LEU B 284 32.64 21.60 -17.71
C LEU B 284 32.91 22.26 -19.07
N ALA B 285 32.92 23.59 -19.09
CA ALA B 285 33.31 24.34 -20.31
C ALA B 285 34.83 24.38 -20.40
N VAL B 286 35.36 24.10 -21.60
CA VAL B 286 36.82 24.12 -21.81
C VAL B 286 37.22 24.85 -23.11
N ASN B 287 38.40 25.46 -23.11
CA ASN B 287 38.96 26.05 -24.37
C ASN B 287 37.94 26.93 -25.09
N THR B 288 37.36 27.86 -24.35
CA THR B 288 36.30 28.67 -24.90
C THR B 288 36.12 29.95 -24.12
N THR B 289 35.16 30.75 -24.56
CA THR B 289 34.75 31.94 -23.81
C THR B 289 33.34 31.66 -23.28
N VAL B 290 33.14 32.03 -22.02
CA VAL B 290 31.85 31.90 -21.34
C VAL B 290 31.49 33.22 -20.68
N ASP B 291 30.36 33.79 -21.09
CA ASP B 291 29.92 35.11 -20.59
C ASP B 291 31.05 36.14 -20.63
N GLY B 292 31.87 36.12 -21.68
CA GLY B 292 33.00 37.05 -21.79
C GLY B 292 34.30 36.66 -21.09
N TYR B 293 34.31 35.52 -20.41
CA TYR B 293 35.51 35.06 -19.71
C TYR B 293 36.20 33.94 -20.45
N SER B 294 37.53 33.94 -20.47
CA SER B 294 38.25 32.87 -21.15
C SER B 294 38.53 31.70 -20.22
N VAL B 295 38.26 30.49 -20.67
CA VAL B 295 38.67 29.31 -19.89
C VAL B 295 39.63 28.44 -20.69
N ASN B 296 40.63 27.88 -20.02
CA ASN B 296 41.65 27.03 -20.70
C ASN B 296 41.23 25.55 -20.89
N TYR B 297 42.16 24.70 -21.31
CA TYR B 297 41.83 23.31 -21.60
C TYR B 297 41.45 22.51 -20.34
N ASN B 298 41.85 23.00 -19.16
CA ASN B 298 41.41 22.45 -17.86
C ASN B 298 40.09 23.03 -17.36
N GLY B 299 39.50 23.95 -18.15
CA GLY B 299 38.31 24.71 -17.73
C GLY B 299 38.56 25.83 -16.74
N GLU B 300 39.84 26.12 -16.52
CA GLU B 300 40.19 27.16 -15.56
C GLU B 300 40.01 28.53 -16.20
N TRP B 301 39.42 29.45 -15.46
CA TRP B 301 39.36 30.84 -15.86
C TRP B 301 40.78 31.42 -15.97
N VAL B 302 41.12 31.94 -17.16
CA VAL B 302 42.40 32.64 -17.36
C VAL B 302 42.13 34.12 -17.18
N ARG B 303 42.67 34.70 -16.12
CA ARG B 303 42.23 36.00 -15.60
C ARG B 303 42.32 37.17 -16.59
#